data_4EE7
#
_entry.id   4EE7
#
_cell.length_a   42.110
_cell.length_b   97.010
_cell.length_c   135.860
_cell.angle_alpha   90.00
_cell.angle_beta   90.00
_cell.angle_gamma   90.00
#
_symmetry.space_group_name_H-M   'P 21 21 21'
#
loop_
_entity.id
_entity.type
_entity.pdbx_description
1 polymer Prenyltransferase
2 non-polymer 'TRIHYDROGEN THIODIPHOSPHATE'
3 non-polymer 'TETRAETHYLENE GLYCOL'
4 non-polymer 'SULFATE ION'
5 non-polymer 'CHLORIDE ION'
6 water water
#
_entity_poly.entity_id   1
_entity_poly.type   'polypeptide(L)'
_entity_poly.pdbx_seq_one_letter_code
;GSMSESADLTELYSIIE(MLY)TAQVVDVTASHDKVWPILNAFQDVIADSVISFRASTGSSADDLDCRFTMLP(MLY)GL
DPYARALEHGLTP(MLY)TDHPVGSLLKEVHENLPITSCGVDFGVAGGFTKTWSFPSAE(MLY)LGKVSELVKLPSIPDA
VAANRDFFEKWGIADMVSTVGIDYSKRTMNLYFGGGVGDRVPAGVFEEKGVRAILGELGLAAPSEELLKFCERSFVIYVT
LSWDSPKINRFTYSVMTPEPLGLPVDLAPTFERLIKSAPYDTEGRNYVYGIASTPKGEYH(MLY)IASYYQWQKRVEKLL
RSDG
;
_entity_poly.pdbx_strand_id   A,B
#
# COMPACT_ATOMS: atom_id res chain seq x y z
N GLU A 5 24.17 -25.86 -10.65
CA GLU A 5 24.23 -24.38 -10.60
C GLU A 5 24.61 -23.74 -11.95
N SER A 6 25.22 -24.52 -12.86
CA SER A 6 25.61 -24.02 -14.19
C SER A 6 24.49 -24.12 -15.23
N ALA A 7 23.56 -25.04 -15.00
CA ALA A 7 22.31 -25.10 -15.75
C ALA A 7 21.50 -23.85 -15.47
N ASP A 8 21.55 -23.40 -14.23
CA ASP A 8 20.90 -22.18 -13.84
C ASP A 8 21.46 -20.99 -14.61
N LEU A 9 22.75 -21.01 -14.92
CA LEU A 9 23.38 -19.85 -15.60
C LEU A 9 22.98 -19.87 -17.09
N THR A 10 22.90 -21.06 -17.67
CA THR A 10 22.50 -21.21 -19.07
C THR A 10 21.06 -20.74 -19.24
N GLU A 11 20.21 -21.15 -18.30
CA GLU A 11 18.80 -20.75 -18.27
C GLU A 11 18.69 -19.22 -18.16
N LEU A 12 19.40 -18.68 -17.18
CA LEU A 12 19.34 -17.25 -16.92
C LEU A 12 19.84 -16.42 -18.11
N TYR A 13 20.95 -16.83 -18.70
CA TYR A 13 21.48 -16.09 -19.84
C TYR A 13 20.46 -16.05 -20.96
N SER A 14 19.80 -17.18 -21.21
CA SER A 14 18.78 -17.26 -22.25
C SER A 14 17.67 -16.23 -21.98
N ILE A 15 17.21 -16.18 -20.73
CA ILE A 15 16.16 -15.24 -20.33
C ILE A 15 16.67 -13.81 -20.50
N ILE A 16 17.92 -13.57 -20.11
CA ILE A 16 18.52 -12.22 -20.24
C ILE A 16 18.52 -11.78 -21.70
N GLU A 17 19.03 -12.65 -22.58
CA GLU A 17 19.13 -12.35 -24.00
C GLU A 17 17.75 -12.10 -24.62
N THR A 19 14.85 -11.28 -23.05
CA THR A 19 14.14 -10.14 -22.45
C THR A 19 14.72 -8.86 -23.01
N ALA A 20 16.04 -8.83 -23.22
CA ALA A 20 16.69 -7.69 -23.87
C ALA A 20 16.05 -7.41 -25.23
N GLN A 21 15.91 -8.45 -26.05
CA GLN A 21 15.32 -8.31 -27.38
C GLN A 21 13.90 -7.76 -27.33
N VAL A 22 13.15 -8.15 -26.30
CA VAL A 22 11.78 -7.64 -26.15
C VAL A 22 11.76 -6.08 -26.05
N VAL A 23 12.78 -5.50 -25.42
CA VAL A 23 12.88 -4.03 -25.33
C VAL A 23 13.95 -3.42 -26.27
N ASP A 24 14.19 -4.08 -27.41
CA ASP A 24 15.07 -3.58 -28.48
C ASP A 24 16.53 -3.41 -28.09
N VAL A 25 17.00 -4.24 -27.16
CA VAL A 25 18.40 -4.22 -26.76
C VAL A 25 18.98 -5.60 -27.08
N THR A 26 20.27 -5.65 -27.43
CA THR A 26 20.96 -6.91 -27.61
C THR A 26 21.95 -7.12 -26.47
N ALA A 27 21.82 -8.25 -25.78
CA ALA A 27 22.71 -8.59 -24.67
C ALA A 27 24.09 -8.98 -25.19
N SER A 28 25.12 -8.65 -24.42
CA SER A 28 26.51 -8.99 -24.76
C SER A 28 26.95 -10.21 -23.97
N HIS A 29 27.12 -11.33 -24.66
CA HIS A 29 27.59 -12.55 -24.02
C HIS A 29 28.95 -12.34 -23.33
N ASP A 30 29.82 -11.60 -24.01
CA ASP A 30 31.17 -11.36 -23.51
C ASP A 30 31.15 -10.58 -22.20
N LYS A 31 30.17 -9.67 -22.04
CA LYS A 31 30.02 -8.88 -20.81
C LYS A 31 29.21 -9.61 -19.74
N VAL A 32 28.16 -10.31 -20.17
CA VAL A 32 27.23 -10.91 -19.21
C VAL A 32 27.76 -12.20 -18.60
N TRP A 33 28.35 -13.07 -19.42
CA TRP A 33 28.78 -14.37 -18.93
C TRP A 33 29.76 -14.30 -17.73
N PRO A 34 30.75 -13.40 -17.77
CA PRO A 34 31.63 -13.26 -16.61
C PRO A 34 30.91 -12.87 -15.33
N ILE A 35 29.86 -12.08 -15.46
CA ILE A 35 29.09 -11.62 -14.32
C ILE A 35 28.30 -12.80 -13.72
N LEU A 36 27.73 -13.62 -14.58
CA LEU A 36 27.02 -14.83 -14.11
C LEU A 36 27.97 -15.78 -13.37
N ASN A 37 29.15 -16.01 -13.94
CA ASN A 37 30.14 -16.86 -13.29
CA ASN A 37 30.17 -16.84 -13.30
C ASN A 37 30.60 -16.26 -11.96
N ALA A 38 30.80 -14.94 -11.94
CA ALA A 38 31.26 -14.22 -10.76
C ALA A 38 30.31 -14.39 -9.55
N PHE A 39 29.01 -14.39 -9.84
CA PHE A 39 27.95 -14.44 -8.83
C PHE A 39 27.16 -15.76 -8.81
N GLN A 40 27.73 -16.81 -9.42
CA GLN A 40 27.06 -18.12 -9.50
C GLN A 40 26.59 -18.66 -8.16
N ASP A 41 27.39 -18.44 -7.11
CA ASP A 41 27.11 -18.99 -5.79
C ASP A 41 25.99 -18.29 -5.01
N VAL A 42 25.54 -17.13 -5.48
CA VAL A 42 24.44 -16.40 -4.82
C VAL A 42 23.20 -16.23 -5.70
N ILE A 43 23.25 -16.68 -6.96
CA ILE A 43 22.14 -16.44 -7.89
C ILE A 43 20.87 -17.25 -7.58
N ALA A 44 21.01 -18.52 -7.17
CA ALA A 44 19.84 -19.38 -6.92
C ALA A 44 18.88 -18.81 -5.88
N ASP A 45 19.42 -18.20 -4.82
CA ASP A 45 18.58 -17.63 -3.75
C ASP A 45 18.32 -16.14 -3.88
N SER A 46 18.70 -15.56 -5.02
CA SER A 46 18.51 -14.16 -5.26
C SER A 46 17.14 -13.83 -5.81
N VAL A 47 16.83 -12.55 -5.79
CA VAL A 47 15.68 -12.02 -6.48
C VAL A 47 16.20 -11.42 -7.78
N ILE A 48 15.65 -11.86 -8.93
CA ILE A 48 16.13 -11.39 -10.23
C ILE A 48 15.05 -10.57 -10.90
N SER A 49 15.39 -9.36 -11.29
CA SER A 49 14.47 -8.51 -12.02
C SER A 49 15.17 -7.80 -13.15
N PHE A 50 14.38 -7.38 -14.13
CA PHE A 50 14.85 -6.67 -15.31
C PHE A 50 14.18 -5.31 -15.35
N ARG A 51 14.98 -4.25 -15.57
CA ARG A 51 14.45 -2.90 -15.56
C ARG A 51 14.70 -2.17 -16.87
N ALA A 52 13.60 -1.74 -17.49
CA ALA A 52 13.61 -0.98 -18.74
C ALA A 52 13.41 0.49 -18.41
N SER A 53 13.89 1.36 -19.31
CA SER A 53 13.80 2.80 -19.09
C SER A 53 13.41 3.50 -20.38
N THR A 54 12.82 4.68 -20.24
CA THR A 54 12.71 5.61 -21.34
C THR A 54 13.82 6.64 -21.24
N GLY A 55 13.95 7.44 -22.28
CA GLY A 55 15.02 8.41 -22.34
C GLY A 55 16.32 7.77 -22.79
N SER A 56 17.42 8.36 -22.31
CA SER A 56 18.73 7.96 -22.77
CA SER A 56 18.75 7.96 -22.76
C SER A 56 19.10 6.53 -22.37
N SER A 57 18.55 6.08 -21.24
CA SER A 57 18.78 4.74 -20.70
C SER A 57 18.08 3.62 -21.49
N ALA A 58 17.22 3.99 -22.44
CA ALA A 58 16.53 3.01 -23.32
C ALA A 58 17.44 2.14 -24.17
N ASP A 59 18.72 2.50 -24.28
CA ASP A 59 19.68 1.71 -25.05
C ASP A 59 20.30 0.52 -24.31
N ASP A 60 19.88 0.28 -23.06
CA ASP A 60 20.31 -0.91 -22.32
C ASP A 60 19.15 -1.37 -21.45
N LEU A 61 19.19 -2.63 -21.07
CA LEU A 61 18.28 -3.21 -20.07
C LEU A 61 19.10 -3.55 -18.84
N ASP A 62 18.61 -3.16 -17.68
CA ASP A 62 19.28 -3.50 -16.42
CA ASP A 62 19.30 -3.49 -16.43
C ASP A 62 18.82 -4.85 -15.91
N CYS A 63 19.75 -5.67 -15.44
CA CYS A 63 19.45 -6.92 -14.76
CA CYS A 63 19.46 -6.91 -14.76
C CYS A 63 19.96 -6.75 -13.34
N ARG A 64 19.08 -6.99 -12.37
CA ARG A 64 19.39 -6.79 -10.95
C ARG A 64 19.28 -8.12 -10.19
N PHE A 65 20.31 -8.42 -9.39
CA PHE A 65 20.30 -9.54 -8.47
C PHE A 65 20.25 -8.91 -7.07
N THR A 66 19.19 -9.16 -6.32
CA THR A 66 19.05 -8.59 -4.99
C THR A 66 18.78 -9.72 -3.97
N MET A 67 18.62 -9.35 -2.69
CA MET A 67 18.56 -10.34 -1.59
C MET A 67 19.84 -11.18 -1.56
N LEU A 68 20.99 -10.57 -1.82
CA LEU A 68 22.23 -11.30 -1.77
C LEU A 68 22.69 -11.29 -0.31
N PRO A 69 23.35 -12.35 0.14
CA PRO A 69 23.61 -12.49 1.58
C PRO A 69 24.65 -11.55 2.14
N GLY A 71 27.94 -10.93 4.09
CA GLY A 71 29.15 -11.70 3.88
C GLY A 71 29.68 -11.61 2.47
N LEU A 72 28.80 -11.37 1.50
CA LEU A 72 29.25 -11.04 0.15
C LEU A 72 29.46 -9.54 0.07
N ASP A 73 30.67 -9.12 -0.29
CA ASP A 73 30.91 -7.72 -0.66
C ASP A 73 30.75 -7.77 -2.16
N PRO A 74 29.61 -7.28 -2.69
CA PRO A 74 29.35 -7.44 -4.12
C PRO A 74 30.33 -6.67 -5.02
N TYR A 75 30.79 -5.51 -4.56
CA TYR A 75 31.80 -4.75 -5.31
C TYR A 75 33.15 -5.46 -5.31
N ALA A 76 33.58 -5.95 -4.13
CA ALA A 76 34.80 -6.76 -4.04
C ALA A 76 34.73 -8.00 -4.96
N ARG A 77 33.56 -8.63 -5.05
CA ARG A 77 33.39 -9.78 -5.95
C ARG A 77 33.58 -9.37 -7.42
N ALA A 78 32.96 -8.27 -7.81
CA ALA A 78 33.13 -7.74 -9.16
C ALA A 78 34.60 -7.43 -9.45
N LEU A 79 35.28 -6.79 -8.50
CA LEU A 79 36.70 -6.48 -8.70
C LEU A 79 37.55 -7.75 -8.90
N GLU A 80 37.29 -8.74 -8.05
CA GLU A 80 38.06 -9.97 -8.01
C GLU A 80 37.95 -10.73 -9.34
N HIS A 81 36.79 -10.64 -9.98
CA HIS A 81 36.54 -11.33 -11.25
C HIS A 81 36.74 -10.44 -12.47
N GLY A 82 37.32 -9.26 -12.26
CA GLY A 82 37.68 -8.38 -13.36
C GLY A 82 36.48 -7.77 -14.07
N LEU A 83 35.34 -7.67 -13.38
CA LEU A 83 34.12 -7.12 -13.96
C LEU A 83 34.14 -5.59 -14.01
N THR A 84 35.00 -4.98 -13.20
CA THR A 84 35.01 -3.52 -13.00
C THR A 84 36.44 -3.21 -12.57
N PRO A 85 36.98 -2.02 -12.94
CA PRO A 85 38.37 -1.75 -12.62
C PRO A 85 38.53 -1.07 -11.27
N THR A 87 39.56 1.64 -8.63
CA THR A 87 39.50 3.11 -8.71
C THR A 87 39.92 3.72 -7.37
N ASP A 88 40.53 4.91 -7.42
CA ASP A 88 40.83 5.68 -6.20
C ASP A 88 39.74 6.68 -5.87
N HIS A 89 38.76 6.81 -6.76
CA HIS A 89 37.65 7.69 -6.52
C HIS A 89 36.88 7.19 -5.28
N PRO A 90 36.30 8.11 -4.50
CA PRO A 90 35.56 7.65 -3.29
C PRO A 90 34.40 6.67 -3.57
N VAL A 91 33.89 6.66 -4.80
CA VAL A 91 32.81 5.74 -5.13
C VAL A 91 33.24 4.30 -4.84
N GLY A 92 34.52 4.03 -5.02
CA GLY A 92 35.10 2.68 -4.74
C GLY A 92 35.22 2.25 -3.29
N SER A 93 35.16 3.19 -2.36
CA SER A 93 35.31 2.87 -0.94
CA SER A 93 35.33 2.90 -0.93
C SER A 93 34.01 3.04 -0.16
N LEU A 94 32.99 3.64 -0.80
CA LEU A 94 31.73 3.94 -0.10
C LEU A 94 30.97 2.71 0.36
N LEU A 95 30.90 1.66 -0.45
CA LEU A 95 30.14 0.48 -0.02
C LEU A 95 30.61 -0.08 1.30
N LYS A 96 31.90 -0.26 1.49
CA LYS A 96 32.40 -0.81 2.76
C LYS A 96 32.05 0.08 3.95
N GLU A 97 32.10 1.40 3.74
CA GLU A 97 31.77 2.36 4.80
C GLU A 97 30.29 2.28 5.17
N VAL A 98 29.45 2.16 4.15
CA VAL A 98 28.00 2.00 4.30
C VAL A 98 27.67 0.68 5.03
N HIS A 99 28.33 -0.39 4.61
CA HIS A 99 28.06 -1.68 5.21
C HIS A 99 28.48 -1.78 6.67
N GLU A 100 29.48 -1.02 7.08
CA GLU A 100 29.90 -1.03 8.48
C GLU A 100 29.02 -0.20 9.41
N ASN A 101 28.53 0.92 8.90
CA ASN A 101 27.95 1.98 9.70
C ASN A 101 26.46 2.21 9.52
N LEU A 102 25.86 1.60 8.50
CA LEU A 102 24.40 1.52 8.43
C LEU A 102 24.03 0.06 8.73
N PRO A 103 22.79 -0.18 9.15
CA PRO A 103 22.32 -1.51 9.55
C PRO A 103 21.96 -2.40 8.34
N ILE A 104 22.94 -2.58 7.48
CA ILE A 104 22.78 -3.31 6.23
C ILE A 104 22.61 -4.80 6.53
N THR A 105 21.60 -5.43 5.93
CA THR A 105 21.37 -6.86 6.16
C THR A 105 21.43 -7.71 4.90
N SER A 106 21.42 -7.08 3.73
CA SER A 106 21.56 -7.79 2.47
C SER A 106 22.00 -6.81 1.40
N CYS A 107 22.26 -7.30 0.20
CA CYS A 107 22.79 -6.42 -0.85
C CYS A 107 22.36 -6.85 -2.24
N GLY A 108 22.84 -6.16 -3.24
CA GLY A 108 22.46 -6.50 -4.62
C GLY A 108 23.44 -5.93 -5.60
N VAL A 109 23.30 -6.34 -6.85
CA VAL A 109 24.10 -5.81 -7.94
C VAL A 109 23.24 -5.57 -9.16
N ASP A 110 23.69 -4.63 -10.00
CA ASP A 110 23.03 -4.25 -11.25
C ASP A 110 24.05 -4.29 -12.36
N PHE A 111 23.67 -4.84 -13.50
CA PHE A 111 24.47 -4.75 -14.70
C PHE A 111 23.56 -4.47 -15.89
N GLY A 112 24.07 -3.71 -16.84
CA GLY A 112 23.44 -3.55 -18.15
C GLY A 112 23.73 -4.80 -18.96
N VAL A 113 22.74 -5.31 -19.68
CA VAL A 113 22.96 -6.54 -20.46
C VAL A 113 23.91 -6.28 -21.62
N ALA A 114 23.95 -5.04 -22.10
CA ALA A 114 24.95 -4.61 -23.06
C ALA A 114 26.18 -4.04 -22.35
N GLY A 115 25.97 -3.24 -21.32
CA GLY A 115 27.02 -2.42 -20.73
C GLY A 115 27.87 -3.07 -19.65
N GLY A 116 27.34 -4.09 -18.99
CA GLY A 116 28.12 -4.80 -17.99
C GLY A 116 27.90 -4.24 -16.61
N PHE A 117 28.81 -4.55 -15.70
CA PHE A 117 28.62 -4.25 -14.29
C PHE A 117 28.54 -2.75 -14.03
N THR A 118 27.53 -2.32 -13.27
CA THR A 118 27.34 -0.89 -13.05
C THR A 118 27.06 -0.42 -11.62
N LYS A 119 26.32 -1.19 -10.83
CA LYS A 119 25.88 -0.75 -9.51
C LYS A 119 25.84 -1.83 -8.45
N THR A 120 25.93 -1.38 -7.20
CA THR A 120 25.57 -2.19 -6.05
C THR A 120 24.42 -1.54 -5.28
N TRP A 121 23.68 -2.35 -4.53
CA TRP A 121 22.70 -1.84 -3.58
C TRP A 121 22.98 -2.44 -2.23
N SER A 122 22.76 -1.64 -1.19
CA SER A 122 22.95 -2.08 0.19
C SER A 122 21.63 -1.82 0.90
N PHE A 123 21.07 -2.88 1.46
CA PHE A 123 19.71 -2.86 2.01
C PHE A 123 19.72 -3.08 3.49
N PRO A 124 19.23 -2.11 4.28
CA PRO A 124 18.81 -2.43 5.63
C PRO A 124 17.52 -3.24 5.62
N SER A 125 17.17 -3.82 6.75
CA SER A 125 15.83 -4.38 6.96
C SER A 125 14.83 -3.29 7.29
N ALA A 126 13.58 -3.56 6.94
CA ALA A 126 12.49 -2.58 7.02
C ALA A 126 12.31 -2.03 8.43
N GLU A 127 12.54 -2.85 9.44
CA GLU A 127 12.32 -2.46 10.82
C GLU A 127 13.46 -1.67 11.44
N LEU A 129 16.00 1.13 9.83
CA LEU A 129 16.48 1.82 8.63
C LEU A 129 17.75 2.62 8.89
N GLY A 130 18.40 3.02 7.81
CA GLY A 130 19.61 3.84 7.87
C GLY A 130 19.24 5.31 8.02
N LYS A 131 20.24 6.13 8.32
CA LYS A 131 20.01 7.54 8.59
C LYS A 131 21.05 8.39 7.85
N VAL A 132 20.62 9.56 7.40
CA VAL A 132 21.51 10.55 6.80
C VAL A 132 22.58 10.97 7.81
N SER A 133 22.21 11.01 9.10
CA SER A 133 23.17 11.31 10.15
C SER A 133 24.35 10.32 10.19
N GLU A 134 24.10 9.08 9.80
CA GLU A 134 25.14 8.07 9.68
C GLU A 134 25.95 8.29 8.39
N LEU A 135 25.25 8.60 7.31
CA LEU A 135 25.89 8.76 6.00
C LEU A 135 26.87 9.93 5.95
N VAL A 136 26.52 11.05 6.55
CA VAL A 136 27.36 12.24 6.44
C VAL A 136 28.72 12.05 7.14
N LYS A 137 28.82 11.07 8.05
CA LYS A 137 30.09 10.78 8.73
C LYS A 137 31.06 9.90 7.93
N LEU A 138 30.62 9.35 6.79
CA LEU A 138 31.45 8.41 6.07
C LEU A 138 32.48 9.18 5.23
N PRO A 139 33.76 8.79 5.32
CA PRO A 139 34.79 9.50 4.54
C PRO A 139 34.46 9.67 3.04
N SER A 140 33.83 8.65 2.46
CA SER A 140 33.61 8.61 1.00
C SER A 140 32.25 9.09 0.53
N ILE A 141 31.45 9.64 1.43
CA ILE A 141 30.14 10.18 1.10
C ILE A 141 30.27 11.38 0.20
N PRO A 142 29.36 11.53 -0.78
CA PRO A 142 29.39 12.80 -1.49
C PRO A 142 29.18 13.96 -0.55
N ASP A 143 29.93 15.04 -0.75
CA ASP A 143 29.73 16.27 0.02
C ASP A 143 28.28 16.75 -0.10
N ALA A 144 27.64 16.45 -1.23
CA ALA A 144 26.29 16.94 -1.50
C ALA A 144 25.24 16.36 -0.55
N VAL A 145 25.54 15.27 0.13
CA VAL A 145 24.60 14.72 1.13
C VAL A 145 24.44 15.70 2.30
N ALA A 146 25.56 16.14 2.92
CA ALA A 146 25.51 17.09 4.04
C ALA A 146 25.02 18.46 3.62
N ALA A 147 25.47 18.92 2.46
CA ALA A 147 25.07 20.23 1.98
C ALA A 147 23.56 20.29 1.74
N ASN A 148 22.94 19.14 1.50
CA ASN A 148 21.49 19.05 1.32
C ASN A 148 20.81 18.34 2.49
N ARG A 149 21.47 18.30 3.64
CA ARG A 149 20.90 17.62 4.80
C ARG A 149 19.52 18.17 5.19
N ASP A 150 19.31 19.48 5.03
CA ASP A 150 18.03 20.09 5.40
C ASP A 150 16.88 19.74 4.49
N PHE A 151 17.17 19.32 3.26
CA PHE A 151 16.12 18.81 2.40
C PHE A 151 15.56 17.53 3.03
N PHE A 152 16.44 16.64 3.43
CA PHE A 152 16.04 15.35 4.00
C PHE A 152 15.29 15.54 5.31
N GLU A 153 15.77 16.48 6.13
CA GLU A 153 15.14 16.77 7.41
C GLU A 153 13.76 17.47 7.28
N LYS A 154 13.63 18.47 6.40
CA LYS A 154 12.37 19.18 6.26
C LYS A 154 11.25 18.30 5.72
N TRP A 155 11.61 17.31 4.90
CA TRP A 155 10.60 16.39 4.36
C TRP A 155 10.45 15.14 5.20
N GLY A 156 11.11 15.13 6.35
CA GLY A 156 10.86 14.13 7.40
C GLY A 156 11.40 12.76 7.09
N ILE A 157 12.40 12.67 6.20
CA ILE A 157 12.87 11.39 5.68
C ILE A 157 14.29 11.03 6.12
N ALA A 158 14.93 11.88 6.93
CA ALA A 158 16.34 11.74 7.22
C ALA A 158 16.69 10.39 7.87
N ASP A 159 15.76 9.87 8.68
CA ASP A 159 16.02 8.65 9.43
C ASP A 159 15.35 7.40 8.88
N MET A 160 15.00 7.42 7.59
CA MET A 160 14.36 6.26 6.98
C MET A 160 14.98 5.87 5.62
N VAL A 161 16.32 5.86 5.55
CA VAL A 161 17.03 5.40 4.38
C VAL A 161 16.81 3.88 4.26
N SER A 162 16.20 3.47 3.16
CA SER A 162 15.79 2.08 2.98
C SER A 162 16.63 1.34 1.96
N THR A 163 17.46 2.04 1.18
CA THR A 163 18.49 1.43 0.36
C THR A 163 19.51 2.49 0.04
N VAL A 164 20.77 2.07 -0.08
CA VAL A 164 21.84 2.89 -0.67
C VAL A 164 22.32 2.19 -1.96
N GLY A 165 22.18 2.90 -3.08
CA GLY A 165 22.65 2.44 -4.37
C GLY A 165 23.89 3.22 -4.77
N ILE A 166 24.84 2.55 -5.41
CA ILE A 166 26.07 3.18 -5.85
C ILE A 166 26.28 2.81 -7.30
N ASP A 167 26.45 3.81 -8.16
CA ASP A 167 26.66 3.56 -9.58
C ASP A 167 28.12 3.85 -9.87
N TYR A 168 28.89 2.80 -10.14
CA TYR A 168 30.34 2.89 -10.36
C TYR A 168 30.67 3.41 -11.74
N SER A 169 29.73 3.24 -12.66
CA SER A 169 29.93 3.65 -14.04
C SER A 169 29.73 5.16 -14.21
N LYS A 170 28.75 5.71 -13.51
CA LYS A 170 28.47 7.15 -13.63
C LYS A 170 28.95 7.96 -12.41
N ARG A 171 29.48 7.28 -11.39
CA ARG A 171 29.89 7.96 -10.15
C ARG A 171 28.73 8.77 -9.54
N THR A 172 27.63 8.06 -9.30
CA THR A 172 26.50 8.60 -8.59
C THR A 172 26.07 7.63 -7.48
N MET A 173 25.21 8.15 -6.61
CA MET A 173 24.66 7.42 -5.46
C MET A 173 23.18 7.73 -5.34
N ASN A 174 22.37 6.70 -5.09
CA ASN A 174 20.95 6.85 -4.85
C ASN A 174 20.66 6.55 -3.39
N LEU A 175 19.85 7.41 -2.79
CA LEU A 175 19.32 7.16 -1.47
C LEU A 175 17.82 6.92 -1.64
N TYR A 176 17.35 5.78 -1.15
CA TYR A 176 15.96 5.41 -1.21
C TYR A 176 15.31 5.56 0.13
N PHE A 177 14.04 5.94 0.13
CA PHE A 177 13.24 6.14 1.34
C PHE A 177 11.87 5.49 1.16
N GLY A 178 11.42 4.78 2.18
CA GLY A 178 10.14 4.10 2.16
C GLY A 178 10.23 2.67 1.64
N GLY A 179 9.15 1.94 1.79
CA GLY A 179 9.08 0.59 1.24
C GLY A 179 8.82 -0.41 2.34
N GLY A 180 8.22 -1.53 1.97
CA GLY A 180 7.95 -2.58 2.93
C GLY A 180 7.10 -2.11 4.11
N VAL A 181 7.30 -2.74 5.25
CA VAL A 181 6.50 -2.43 6.44
C VAL A 181 7.18 -1.36 7.31
N GLY A 182 8.30 -0.83 6.85
CA GLY A 182 9.10 0.10 7.66
C GLY A 182 8.42 1.44 7.85
N ASP A 183 9.17 2.35 8.47
CA ASP A 183 8.71 3.72 8.63
C ASP A 183 8.36 4.31 7.25
N ARG A 184 7.33 5.16 7.24
CA ARG A 184 6.73 5.66 6.01
C ARG A 184 7.12 7.08 5.67
N VAL A 185 7.32 7.30 4.38
CA VAL A 185 7.57 8.63 3.89
C VAL A 185 6.33 9.47 4.18
N PRO A 186 6.51 10.67 4.75
CA PRO A 186 5.36 11.50 5.07
C PRO A 186 4.43 11.73 3.89
N ALA A 187 3.12 11.74 4.16
CA ALA A 187 2.11 11.92 3.13
C ALA A 187 2.34 13.16 2.28
N GLY A 188 2.80 14.23 2.91
CA GLY A 188 2.98 15.52 2.20
C GLY A 188 3.94 15.47 1.00
N VAL A 189 4.87 14.51 1.02
CA VAL A 189 5.80 14.28 -0.09
C VAL A 189 5.06 13.89 -1.38
N PHE A 190 3.88 13.29 -1.23
CA PHE A 190 3.15 12.70 -2.37
C PHE A 190 1.93 13.50 -2.82
N GLU A 191 1.56 14.51 -2.04
CA GLU A 191 0.43 15.37 -2.38
CA GLU A 191 0.45 15.38 -2.38
C GLU A 191 0.92 16.47 -3.33
N GLU A 192 0.00 16.97 -4.15
CA GLU A 192 0.36 17.91 -5.19
C GLU A 192 1.27 19.05 -4.68
N LYS A 193 0.88 19.68 -3.57
CA LYS A 193 1.65 20.79 -3.00
C LYS A 193 3.10 20.37 -2.71
N GLY A 194 3.28 19.17 -2.17
CA GLY A 194 4.61 18.66 -1.85
C GLY A 194 5.43 18.28 -3.07
N VAL A 195 4.77 17.70 -4.07
CA VAL A 195 5.46 17.31 -5.27
C VAL A 195 5.99 18.58 -5.94
N ARG A 196 5.13 19.58 -6.07
CA ARG A 196 5.55 20.87 -6.63
C ARG A 196 6.68 21.51 -5.82
N ALA A 197 6.59 21.47 -4.49
CA ALA A 197 7.58 22.09 -3.63
C ALA A 197 8.95 21.42 -3.74
N ILE A 198 8.95 20.10 -3.73
CA ILE A 198 10.18 19.30 -3.84
C ILE A 198 10.85 19.56 -5.18
N LEU A 199 10.11 19.39 -6.27
CA LEU A 199 10.70 19.57 -7.59
C LEU A 199 11.17 21.02 -7.80
N GLY A 200 10.41 21.98 -7.28
CA GLY A 200 10.79 23.38 -7.35
C GLY A 200 12.06 23.69 -6.58
N GLU A 201 12.18 23.19 -5.36
CA GLU A 201 13.37 23.53 -4.59
C GLU A 201 14.64 22.88 -5.14
N LEU A 202 14.50 21.74 -5.80
CA LEU A 202 15.61 21.01 -6.38
C LEU A 202 15.90 21.42 -7.82
N GLY A 203 15.11 22.34 -8.37
CA GLY A 203 15.38 22.87 -9.72
C GLY A 203 15.09 21.85 -10.81
N LEU A 204 14.16 20.94 -10.53
CA LEU A 204 13.82 19.87 -11.45
C LEU A 204 12.54 20.25 -12.22
N ALA A 205 12.28 19.54 -13.31
CA ALA A 205 11.09 19.81 -14.11
C ALA A 205 9.83 19.84 -13.25
N ALA A 206 8.99 20.85 -13.47
CA ALA A 206 7.67 20.88 -12.80
C ALA A 206 6.89 19.59 -13.06
N PRO A 207 6.09 19.16 -12.09
CA PRO A 207 5.44 17.87 -12.25
C PRO A 207 4.34 17.88 -13.29
N SER A 208 4.31 16.85 -14.12
CA SER A 208 3.25 16.66 -15.08
C SER A 208 1.98 16.16 -14.40
N GLU A 209 0.88 16.22 -15.13
CA GLU A 209 -0.39 15.76 -14.59
C GLU A 209 -0.33 14.28 -14.33
N GLU A 210 0.29 13.52 -15.25
CA GLU A 210 0.40 12.10 -15.05
C GLU A 210 1.33 11.77 -13.85
N LEU A 211 2.40 12.55 -13.63
CA LEU A 211 3.23 12.36 -12.44
C LEU A 211 2.43 12.60 -11.16
N LEU A 212 1.63 13.66 -11.14
CA LEU A 212 0.85 13.97 -9.92
C LEU A 212 -0.10 12.80 -9.59
N LYS A 213 -0.74 12.22 -10.61
CA LYS A 213 -1.65 11.05 -10.42
C LYS A 213 -0.86 9.82 -9.99
N PHE A 214 0.30 9.62 -10.60
CA PHE A 214 1.19 8.54 -10.24
C PHE A 214 1.61 8.66 -8.76
N CYS A 215 1.97 9.86 -8.31
CA CYS A 215 2.43 10.09 -6.94
C CYS A 215 1.41 9.68 -5.86
N GLU A 216 0.13 9.78 -6.20
CA GLU A 216 -0.96 9.36 -5.31
C GLU A 216 -0.92 7.90 -4.94
N ARG A 217 -0.19 7.10 -5.73
CA ARG A 217 -0.04 5.67 -5.47
C ARG A 217 1.36 5.29 -5.00
N SER A 218 2.23 6.28 -4.86
CA SER A 218 3.64 6.07 -4.57
C SER A 218 3.89 6.04 -3.06
N PHE A 219 4.71 5.09 -2.59
CA PHE A 219 5.17 5.08 -1.22
C PHE A 219 6.69 5.01 -1.07
N VAL A 220 7.41 5.09 -2.19
CA VAL A 220 8.87 5.04 -2.18
C VAL A 220 9.37 6.19 -3.03
N ILE A 221 10.39 6.88 -2.53
CA ILE A 221 11.09 7.89 -3.32
C ILE A 221 12.59 7.62 -3.32
N TYR A 222 13.28 8.15 -4.30
CA TYR A 222 14.74 8.13 -4.23
C TYR A 222 15.40 9.35 -4.86
N VAL A 223 16.53 9.71 -4.26
CA VAL A 223 17.26 10.93 -4.51
C VAL A 223 18.61 10.49 -5.07
N THR A 224 19.00 11.04 -6.23
CA THR A 224 20.30 10.73 -6.83
C THR A 224 21.26 11.89 -6.57
N LEU A 225 22.45 11.57 -6.04
CA LEU A 225 23.45 12.59 -5.77
C LEU A 225 24.77 12.17 -6.39
N SER A 226 25.66 13.15 -6.56
CA SER A 226 26.97 12.84 -7.13
C SER A 226 28.06 13.54 -6.32
N TRP A 227 29.28 13.07 -6.52
CA TRP A 227 30.47 13.69 -5.94
C TRP A 227 30.88 14.98 -6.65
N ASP A 228 30.45 15.16 -7.90
CA ASP A 228 30.92 16.28 -8.75
C ASP A 228 29.91 17.42 -8.91
N SER A 229 28.83 17.39 -8.12
CA SER A 229 27.83 18.47 -8.13
C SER A 229 27.34 18.68 -6.70
N PRO A 230 27.11 19.93 -6.31
CA PRO A 230 26.53 20.19 -5.00
C PRO A 230 25.02 20.01 -4.95
N LYS A 231 24.40 19.78 -6.10
CA LYS A 231 22.96 19.67 -6.26
C LYS A 231 22.51 18.23 -6.43
N ILE A 232 21.38 17.89 -5.81
CA ILE A 232 20.69 16.65 -6.09
C ILE A 232 20.45 16.58 -7.61
N ASN A 233 20.80 15.44 -8.21
CA ASN A 233 20.81 15.26 -9.67
C ASN A 233 19.40 14.99 -10.21
N ARG A 234 18.65 14.22 -9.44
CA ARG A 234 17.27 13.93 -9.81
C ARG A 234 16.52 13.33 -8.63
N PHE A 235 15.22 13.27 -8.79
CA PHE A 235 14.31 12.82 -7.76
C PHE A 235 13.28 11.91 -8.42
N THR A 236 13.10 10.72 -7.88
CA THR A 236 12.24 9.71 -8.48
C THR A 236 11.16 9.23 -7.49
N TYR A 237 9.93 9.14 -8.00
CA TYR A 237 8.80 8.50 -7.31
C TYR A 237 8.62 7.10 -7.85
N SER A 238 8.36 6.16 -6.95
CA SER A 238 8.21 4.76 -7.33
C SER A 238 6.85 4.19 -6.85
N VAL A 239 6.26 3.32 -7.65
CA VAL A 239 5.01 2.64 -7.32
C VAL A 239 5.18 1.13 -7.51
N MET A 240 4.62 0.35 -6.60
CA MET A 240 4.61 -1.12 -6.71
C MET A 240 3.20 -1.60 -6.97
N THR A 241 3.02 -2.43 -8.01
CA THR A 241 1.68 -2.92 -8.37
C THR A 241 1.79 -4.18 -9.21
N PRO A 242 0.87 -5.13 -9.03
CA PRO A 242 0.86 -6.27 -9.93
C PRO A 242 0.08 -6.00 -11.21
N GLU A 243 -0.45 -4.77 -11.34
CA GLU A 243 -1.26 -4.36 -12.49
C GLU A 243 -0.71 -3.07 -13.12
N PRO A 244 0.50 -3.15 -13.67
CA PRO A 244 1.08 -1.95 -14.24
C PRO A 244 0.28 -1.32 -15.37
N LEU A 245 -0.47 -2.13 -16.13
CA LEU A 245 -1.33 -1.61 -17.17
C LEU A 245 -2.41 -0.69 -16.62
N GLY A 246 -2.65 -0.77 -15.30
CA GLY A 246 -3.63 0.08 -14.62
C GLY A 246 -3.09 1.38 -14.02
N LEU A 247 -1.79 1.64 -14.22
CA LEU A 247 -1.18 2.85 -13.70
C LEU A 247 -1.71 4.05 -14.47
N PRO A 248 -1.82 5.22 -13.80
CA PRO A 248 -2.36 6.41 -14.44
C PRO A 248 -1.28 7.12 -15.28
N VAL A 249 -0.65 6.35 -16.16
CA VAL A 249 0.38 6.85 -17.06
C VAL A 249 0.18 6.23 -18.43
N ASP A 250 0.76 6.88 -19.44
CA ASP A 250 0.86 6.27 -20.76
C ASP A 250 2.15 5.47 -20.79
N LEU A 251 2.05 4.20 -21.15
CA LEU A 251 3.21 3.32 -21.13
C LEU A 251 3.89 3.33 -22.49
N ALA A 252 5.22 3.42 -22.47
CA ALA A 252 6.03 3.27 -23.70
C ALA A 252 5.80 1.90 -24.35
N PRO A 253 5.85 1.83 -25.69
CA PRO A 253 5.74 0.53 -26.36
C PRO A 253 6.68 -0.55 -25.83
N THR A 254 7.93 -0.20 -25.53
CA THR A 254 8.84 -1.19 -24.94
C THR A 254 8.32 -1.69 -23.62
N PHE A 255 7.71 -0.83 -22.82
CA PHE A 255 7.18 -1.21 -21.52
C PHE A 255 5.99 -2.15 -21.69
N GLU A 256 5.12 -1.82 -22.63
CA GLU A 256 3.96 -2.66 -22.93
C GLU A 256 4.40 -4.05 -23.39
N ARG A 257 5.46 -4.11 -24.18
CA ARG A 257 6.01 -5.39 -24.63
C ARG A 257 6.64 -6.18 -23.50
N LEU A 258 7.38 -5.51 -22.61
CA LEU A 258 7.94 -6.17 -21.44
C LEU A 258 6.86 -6.78 -20.54
N ILE A 259 5.77 -6.05 -20.38
CA ILE A 259 4.63 -6.50 -19.58
C ILE A 259 3.88 -7.65 -20.24
N LYS A 260 3.61 -7.56 -21.54
CA LYS A 260 2.77 -8.53 -22.23
C LYS A 260 3.52 -9.72 -22.81
N SER A 261 4.83 -9.57 -23.05
CA SER A 261 5.58 -10.55 -23.83
C SER A 261 6.95 -10.92 -23.29
N ALA A 262 7.20 -10.72 -22.00
CA ALA A 262 8.45 -11.19 -21.42
C ALA A 262 8.46 -12.70 -21.58
N PRO A 263 9.66 -13.28 -21.72
CA PRO A 263 9.79 -14.71 -21.90
C PRO A 263 9.71 -15.54 -20.59
N TYR A 264 9.00 -15.03 -19.59
CA TYR A 264 8.79 -15.75 -18.35
C TYR A 264 7.46 -15.31 -17.77
N ASP A 265 6.95 -16.09 -16.84
CA ASP A 265 5.64 -15.81 -16.25
C ASP A 265 5.82 -14.86 -15.06
N THR A 266 5.03 -13.78 -15.05
CA THR A 266 4.98 -12.88 -13.91
C THR A 266 3.73 -13.18 -13.10
N GLU A 267 3.71 -14.45 -12.66
CA GLU A 267 2.71 -15.12 -11.83
C GLU A 267 2.04 -14.24 -10.78
N GLY A 268 1.16 -13.34 -11.22
CA GLY A 268 0.55 -12.32 -10.34
C GLY A 268 1.52 -11.45 -9.54
N ARG A 269 2.76 -11.36 -10.00
CA ARG A 269 3.80 -10.69 -9.23
C ARG A 269 3.76 -9.17 -9.34
N ASN A 270 4.32 -8.51 -8.35
CA ASN A 270 4.47 -7.06 -8.39
C ASN A 270 5.47 -6.63 -9.44
N TYR A 271 5.12 -5.55 -10.13
CA TYR A 271 6.09 -4.76 -10.87
C TYR A 271 6.44 -3.55 -10.02
N VAL A 272 7.61 -2.94 -10.29
CA VAL A 272 7.99 -1.67 -9.68
C VAL A 272 8.21 -0.67 -10.80
N TYR A 273 7.50 0.46 -10.72
CA TYR A 273 7.54 1.53 -11.74
C TYR A 273 8.07 2.82 -11.15
N GLY A 274 8.88 3.55 -11.90
CA GLY A 274 9.39 4.84 -11.43
C GLY A 274 9.19 5.94 -12.46
N ILE A 275 8.96 7.15 -11.96
CA ILE A 275 9.06 8.35 -12.81
C ILE A 275 10.11 9.28 -12.19
N ALA A 276 11.24 9.42 -12.88
CA ALA A 276 12.31 10.31 -12.47
C ALA A 276 12.11 11.70 -13.02
N SER A 277 12.45 12.70 -12.21
CA SER A 277 12.44 14.09 -12.64
C SER A 277 13.87 14.62 -12.62
N THR A 278 14.28 15.20 -13.73
CA THR A 278 15.57 15.87 -13.88
C THR A 278 15.32 17.34 -14.17
N PRO A 279 16.40 18.14 -14.27
CA PRO A 279 16.19 19.52 -14.70
C PRO A 279 15.50 19.66 -16.06
N LYS A 280 15.65 18.68 -16.94
CA LYS A 280 15.15 18.76 -18.32
C LYS A 280 13.79 18.10 -18.55
N GLY A 281 13.45 17.09 -17.76
CA GLY A 281 12.21 16.36 -18.01
C GLY A 281 11.93 15.21 -17.07
N GLU A 282 11.02 14.33 -17.51
CA GLU A 282 10.62 13.16 -16.76
C GLU A 282 10.95 11.93 -17.58
N TYR A 283 11.44 10.89 -16.92
CA TYR A 283 11.80 9.64 -17.57
C TYR A 283 11.22 8.53 -16.74
N HIS A 284 10.79 7.46 -17.41
CA HIS A 284 10.07 6.36 -16.76
C HIS A 284 10.95 5.11 -16.71
N ILE A 286 10.51 0.75 -15.57
CA ILE A 286 9.69 -0.36 -15.10
C ILE A 286 10.53 -1.62 -14.82
N ALA A 287 10.29 -2.26 -13.68
CA ALA A 287 11.02 -3.47 -13.30
C ALA A 287 10.08 -4.67 -13.26
N SER A 288 10.46 -5.72 -13.96
CA SER A 288 9.66 -6.94 -14.07
C SER A 288 10.45 -8.06 -13.39
N TYR A 289 9.76 -8.90 -12.62
CA TYR A 289 10.42 -9.82 -11.71
C TYR A 289 10.39 -11.27 -12.24
N TYR A 290 11.58 -11.74 -12.60
CA TYR A 290 11.78 -13.09 -13.13
C TYR A 290 11.89 -14.17 -12.04
N GLN A 291 12.62 -13.87 -10.98
CA GLN A 291 12.84 -14.84 -9.90
C GLN A 291 12.60 -14.15 -8.59
N TRP A 292 11.71 -14.72 -7.80
CA TRP A 292 11.34 -14.11 -6.53
C TRP A 292 11.31 -15.14 -5.39
N GLN A 293 11.61 -14.67 -4.17
CA GLN A 293 11.77 -15.51 -2.97
C GLN A 293 10.69 -15.18 -1.93
N LYS A 294 9.79 -16.13 -1.68
CA LYS A 294 8.63 -15.92 -0.81
C LYS A 294 8.85 -16.51 0.60
N ALA B 7 -34.22 -17.60 -9.02
CA ALA B 7 -32.93 -18.15 -9.51
C ALA B 7 -31.75 -17.37 -8.94
N ASP B 8 -31.67 -16.09 -9.30
CA ASP B 8 -30.60 -15.18 -8.88
C ASP B 8 -30.51 -15.10 -7.35
N LEU B 9 -31.63 -14.73 -6.74
CA LEU B 9 -31.70 -14.57 -5.29
C LEU B 9 -31.69 -15.92 -4.56
N THR B 10 -32.19 -16.97 -5.20
CA THR B 10 -32.11 -18.31 -4.62
C THR B 10 -30.64 -18.75 -4.46
N GLU B 11 -29.81 -18.43 -5.44
CA GLU B 11 -28.40 -18.79 -5.36
C GLU B 11 -27.70 -17.94 -4.31
N LEU B 12 -27.96 -16.64 -4.36
CA LEU B 12 -27.38 -15.73 -3.38
C LEU B 12 -27.76 -16.21 -1.98
N TYR B 13 -29.04 -16.57 -1.76
CA TYR B 13 -29.44 -17.07 -0.45
C TYR B 13 -28.62 -18.30 -0.04
N SER B 14 -28.50 -19.28 -0.94
CA SER B 14 -27.74 -20.49 -0.64
C SER B 14 -26.30 -20.16 -0.25
N ILE B 15 -25.70 -19.19 -0.93
CA ILE B 15 -24.35 -18.75 -0.64
C ILE B 15 -24.32 -18.10 0.74
N ILE B 16 -25.30 -17.25 1.03
CA ILE B 16 -25.37 -16.61 2.35
C ILE B 16 -25.49 -17.65 3.45
N GLU B 17 -26.41 -18.60 3.28
CA GLU B 17 -26.65 -19.65 4.28
C GLU B 17 -25.40 -20.51 4.52
N THR B 19 -22.18 -19.69 3.72
CA THR B 19 -21.09 -18.93 4.27
C THR B 19 -21.31 -18.75 5.77
N ALA B 20 -22.55 -18.51 6.17
CA ALA B 20 -22.89 -18.46 7.58
C ALA B 20 -22.46 -19.75 8.29
N GLN B 21 -22.80 -20.89 7.71
CA GLN B 21 -22.49 -22.20 8.33
C GLN B 21 -20.98 -22.38 8.51
N VAL B 22 -20.20 -21.88 7.56
CA VAL B 22 -18.75 -21.97 7.63
C VAL B 22 -18.22 -21.29 8.91
N VAL B 23 -18.86 -20.21 9.34
CA VAL B 23 -18.44 -19.49 10.55
C VAL B 23 -19.37 -19.73 11.76
N ASP B 24 -20.00 -20.89 11.78
CA ASP B 24 -20.84 -21.33 12.92
C ASP B 24 -21.98 -20.35 13.24
N VAL B 25 -22.64 -19.84 12.20
CA VAL B 25 -23.79 -18.96 12.35
C VAL B 25 -24.94 -19.55 11.56
N THR B 26 -26.15 -19.45 12.10
CA THR B 26 -27.36 -19.94 11.47
C THR B 26 -28.08 -18.78 10.81
N ALA B 27 -28.14 -18.78 9.47
CA ALA B 27 -28.87 -17.75 8.73
C ALA B 27 -30.37 -17.89 8.95
N SER B 28 -31.05 -16.75 9.02
CA SER B 28 -32.51 -16.69 9.13
C SER B 28 -33.13 -16.38 7.77
N HIS B 29 -33.86 -17.34 7.21
CA HIS B 29 -34.51 -17.16 5.90
C HIS B 29 -35.53 -16.04 5.95
N ASP B 30 -36.27 -16.00 7.04
CA ASP B 30 -37.32 -15.00 7.24
C ASP B 30 -36.79 -13.58 7.28
N LYS B 31 -35.54 -13.42 7.74
CA LYS B 31 -34.91 -12.11 7.86
C LYS B 31 -34.23 -11.75 6.56
N VAL B 32 -33.48 -12.70 6.00
CA VAL B 32 -32.67 -12.43 4.81
C VAL B 32 -33.49 -12.31 3.53
N TRP B 33 -34.47 -13.19 3.33
CA TRP B 33 -35.18 -13.24 2.06
C TRP B 33 -35.84 -11.90 1.69
N PRO B 34 -36.52 -11.23 2.64
CA PRO B 34 -37.10 -9.94 2.29
C PRO B 34 -36.10 -8.83 1.95
N ILE B 35 -34.91 -8.88 2.53
CA ILE B 35 -33.84 -7.93 2.19
C ILE B 35 -33.39 -8.14 0.73
N LEU B 36 -33.21 -9.38 0.33
CA LEU B 36 -32.77 -9.65 -1.02
C LEU B 36 -33.80 -9.14 -2.03
N ASN B 37 -35.08 -9.39 -1.75
CA ASN B 37 -36.13 -8.89 -2.60
C ASN B 37 -36.23 -7.36 -2.61
N ALA B 38 -36.05 -6.72 -1.44
CA ALA B 38 -36.02 -5.27 -1.36
C ALA B 38 -34.92 -4.61 -2.20
N PHE B 39 -33.75 -5.24 -2.26
CA PHE B 39 -32.60 -4.67 -2.97
C PHE B 39 -32.29 -5.38 -4.29
N GLN B 40 -33.22 -6.16 -4.82
CA GLN B 40 -32.91 -6.97 -6.00
C GLN B 40 -32.47 -6.14 -7.22
N ASP B 41 -32.99 -4.92 -7.35
CA ASP B 41 -32.65 -4.07 -8.50
C ASP B 41 -31.24 -3.47 -8.47
N VAL B 42 -30.50 -3.64 -7.39
CA VAL B 42 -29.13 -3.13 -7.32
C VAL B 42 -28.08 -4.21 -6.98
N ILE B 43 -28.51 -5.45 -6.78
CA ILE B 43 -27.61 -6.51 -6.32
C ILE B 43 -26.63 -6.94 -7.42
N ALA B 44 -27.12 -7.09 -8.65
CA ALA B 44 -26.28 -7.59 -9.76
C ALA B 44 -25.03 -6.76 -9.99
N ASP B 45 -25.14 -5.43 -9.87
CA ASP B 45 -23.97 -4.54 -10.03
C ASP B 45 -23.31 -4.13 -8.71
N SER B 46 -23.74 -4.68 -7.58
CA SER B 46 -23.10 -4.36 -6.30
C SER B 46 -21.81 -5.14 -6.09
N VAL B 47 -21.04 -4.69 -5.11
CA VAL B 47 -19.95 -5.48 -4.54
C VAL B 47 -20.53 -6.18 -3.32
N ILE B 48 -20.36 -7.49 -3.24
CA ILE B 48 -20.95 -8.28 -2.14
C ILE B 48 -19.83 -8.94 -1.36
N SER B 49 -19.83 -8.73 -0.06
CA SER B 49 -18.82 -9.28 0.83
C SER B 49 -19.43 -9.74 2.16
N PHE B 50 -18.72 -10.63 2.85
CA PHE B 50 -19.19 -11.22 4.10
C PHE B 50 -18.16 -10.92 5.16
N ARG B 51 -18.60 -10.47 6.33
CA ARG B 51 -17.66 -10.05 7.36
C ARG B 51 -17.94 -10.83 8.64
N ALA B 52 -16.92 -11.56 9.07
CA ALA B 52 -16.92 -12.34 10.31
C ALA B 52 -16.20 -11.56 11.39
N SER B 53 -16.52 -11.87 12.65
CA SER B 53 -16.01 -11.14 13.81
CA SER B 53 -15.94 -11.16 13.78
C SER B 53 -15.63 -12.10 14.95
N THR B 54 -14.71 -11.67 15.82
CA THR B 54 -14.50 -12.38 17.07
C THR B 54 -15.16 -11.56 18.18
N GLY B 55 -15.23 -12.15 19.36
CA GLY B 55 -15.89 -11.53 20.50
C GLY B 55 -17.39 -11.83 20.48
N SER B 56 -18.15 -11.00 21.17
CA SER B 56 -19.60 -11.15 21.26
CA SER B 56 -19.60 -11.19 21.27
C SER B 56 -20.27 -11.22 19.88
N SER B 57 -19.77 -10.40 18.95
CA SER B 57 -20.29 -10.35 17.56
C SER B 57 -20.14 -11.64 16.73
N ALA B 58 -19.40 -12.62 17.23
CA ALA B 58 -19.24 -13.87 16.49
C ALA B 58 -20.55 -14.65 16.28
N ASP B 59 -21.64 -14.23 16.95
CA ASP B 59 -22.92 -14.89 16.79
C ASP B 59 -23.69 -14.46 15.54
N ASP B 60 -23.12 -13.56 14.74
CA ASP B 60 -23.73 -13.24 13.45
C ASP B 60 -22.64 -13.06 12.40
N LEU B 61 -23.05 -13.13 11.15
CA LEU B 61 -22.17 -12.83 10.02
C LEU B 61 -22.80 -11.68 9.27
N ASP B 62 -22.03 -10.65 8.96
CA ASP B 62 -22.53 -9.53 8.18
C ASP B 62 -22.41 -9.76 6.68
N CYS B 63 -23.47 -9.40 5.97
CA CYS B 63 -23.45 -9.40 4.52
CA CYS B 63 -23.47 -9.40 4.51
C CYS B 63 -23.59 -7.96 4.06
N ARG B 64 -22.67 -7.52 3.20
CA ARG B 64 -22.66 -6.13 2.77
C ARG B 64 -22.81 -6.06 1.28
N PHE B 65 -23.67 -5.15 0.83
CA PHE B 65 -23.83 -4.80 -0.58
C PHE B 65 -23.31 -3.37 -0.69
N THR B 66 -22.23 -3.15 -1.41
CA THR B 66 -21.65 -1.80 -1.55
C THR B 66 -21.54 -1.40 -3.02
N MET B 67 -21.07 -0.16 -3.27
CA MET B 67 -21.02 0.42 -4.62
C MET B 67 -22.43 0.58 -5.23
N LEU B 68 -23.43 0.74 -4.37
CA LEU B 68 -24.81 0.96 -4.77
C LEU B 68 -24.92 2.38 -5.34
N PRO B 69 -25.78 2.58 -6.37
CA PRO B 69 -25.74 3.84 -7.12
C PRO B 69 -26.39 5.03 -6.41
N GLY B 71 -28.78 7.89 -5.99
CA GLY B 71 -30.20 7.88 -6.37
C GLY B 71 -30.98 6.89 -5.52
N LEU B 72 -30.31 5.82 -5.10
CA LEU B 72 -30.88 4.90 -4.12
C LEU B 72 -30.62 5.49 -2.74
N ASP B 73 -31.67 5.77 -1.99
CA ASP B 73 -31.54 6.03 -0.55
C ASP B 73 -31.73 4.67 0.10
N PRO B 74 -30.64 4.04 0.56
CA PRO B 74 -30.72 2.65 1.02
C PRO B 74 -31.49 2.47 2.34
N TYR B 75 -31.51 3.51 3.17
CA TYR B 75 -32.30 3.50 4.38
C TYR B 75 -33.79 3.62 4.04
N ALA B 76 -34.15 4.57 3.17
CA ALA B 76 -35.53 4.68 2.66
C ALA B 76 -36.01 3.37 2.02
N ARG B 77 -35.12 2.69 1.29
CA ARG B 77 -35.52 1.44 0.66
C ARG B 77 -35.86 0.39 1.74
N ALA B 78 -35.05 0.34 2.79
CA ALA B 78 -35.30 -0.57 3.91
C ALA B 78 -36.62 -0.22 4.60
N LEU B 79 -36.87 1.07 4.81
CA LEU B 79 -38.11 1.53 5.43
C LEU B 79 -39.32 1.13 4.58
N GLU B 80 -39.20 1.37 3.28
CA GLU B 80 -40.28 1.13 2.32
C GLU B 80 -40.72 -0.35 2.35
N HIS B 81 -39.76 -1.24 2.57
CA HIS B 81 -40.01 -2.67 2.51
C HIS B 81 -40.15 -3.30 3.89
N GLY B 82 -40.25 -2.45 4.92
CA GLY B 82 -40.53 -2.92 6.28
C GLY B 82 -39.38 -3.68 6.90
N LEU B 83 -38.16 -3.39 6.47
CA LEU B 83 -36.98 -4.12 6.94
C LEU B 83 -36.45 -3.53 8.25
N THR B 84 -36.90 -2.33 8.58
CA THR B 84 -36.34 -1.54 9.67
C THR B 84 -37.47 -0.55 10.01
N PRO B 85 -37.65 -0.20 11.29
CA PRO B 85 -38.80 0.63 11.66
C PRO B 85 -38.48 2.11 11.59
N THR B 87 -38.02 5.72 12.95
CA THR B 87 -37.57 6.23 14.24
C THR B 87 -37.58 7.75 14.20
N ASP B 88 -37.88 8.38 15.33
CA ASP B 88 -37.68 9.83 15.46
C ASP B 88 -36.30 10.17 16.05
N HIS B 89 -35.53 9.16 16.45
CA HIS B 89 -34.15 9.32 16.90
C HIS B 89 -33.34 9.90 15.73
N PRO B 90 -32.34 10.74 16.04
CA PRO B 90 -31.56 11.32 14.96
C PRO B 90 -30.86 10.33 14.01
N VAL B 91 -30.59 9.11 14.47
CA VAL B 91 -29.97 8.09 13.63
C VAL B 91 -30.77 7.95 12.33
N GLY B 92 -32.08 8.11 12.42
CA GLY B 92 -32.97 7.97 11.27
C GLY B 92 -32.89 9.07 10.22
N SER B 93 -32.41 10.26 10.60
CA SER B 93 -32.37 11.40 9.68
CA SER B 93 -32.36 11.42 9.71
C SER B 93 -30.93 11.73 9.21
N LEU B 94 -29.94 11.06 9.80
CA LEU B 94 -28.55 11.37 9.50
C LEU B 94 -28.11 11.10 8.06
N LEU B 95 -28.51 9.98 7.47
CA LEU B 95 -28.06 9.63 6.13
C LEU B 95 -28.40 10.71 5.13
N LYS B 96 -29.64 11.20 5.16
CA LYS B 96 -30.03 12.22 4.20
C LYS B 96 -29.19 13.47 4.33
N GLU B 97 -28.91 13.89 5.57
CA GLU B 97 -28.03 15.03 5.84
C GLU B 97 -26.59 14.82 5.33
N VAL B 98 -26.07 13.63 5.55
CA VAL B 98 -24.75 13.25 5.07
C VAL B 98 -24.72 13.23 3.55
N HIS B 99 -25.75 12.66 2.94
CA HIS B 99 -25.78 12.57 1.47
C HIS B 99 -25.88 13.94 0.81
N GLU B 100 -26.46 14.90 1.52
CA GLU B 100 -26.58 16.25 0.98
C GLU B 100 -25.32 17.08 1.15
N ASN B 101 -24.68 16.95 2.30
CA ASN B 101 -23.66 17.90 2.70
C ASN B 101 -22.23 17.39 2.63
N LEU B 102 -22.06 16.09 2.40
CA LEU B 102 -20.77 15.51 2.06
C LEU B 102 -20.82 15.10 0.57
N PRO B 103 -19.64 14.95 -0.04
CA PRO B 103 -19.54 14.63 -1.46
C PRO B 103 -19.72 13.12 -1.72
N ILE B 104 -20.85 12.60 -1.29
CA ILE B 104 -21.15 11.18 -1.40
C ILE B 104 -21.42 10.81 -2.86
N THR B 105 -20.80 9.72 -3.30
CA THR B 105 -20.95 9.26 -4.69
C THR B 105 -21.52 7.85 -4.85
N SER B 106 -21.48 7.06 -3.79
CA SER B 106 -22.09 5.73 -3.79
C SER B 106 -22.47 5.38 -2.35
N CYS B 107 -23.15 4.26 -2.18
CA CYS B 107 -23.63 3.87 -0.86
C CYS B 107 -23.67 2.37 -0.73
N GLY B 108 -24.17 1.89 0.39
CA GLY B 108 -24.23 0.44 0.62
C GLY B 108 -25.10 0.09 1.80
N VAL B 109 -25.36 -1.20 1.96
CA VAL B 109 -26.13 -1.68 3.10
C VAL B 109 -25.44 -2.87 3.74
N ASP B 110 -25.77 -3.10 5.00
CA ASP B 110 -25.27 -4.24 5.76
C ASP B 110 -26.45 -4.86 6.48
N PHE B 111 -26.48 -6.19 6.47
CA PHE B 111 -27.41 -6.94 7.29
C PHE B 111 -26.72 -8.13 7.90
N GLY B 112 -27.14 -8.50 9.10
CA GLY B 112 -26.75 -9.76 9.72
C GLY B 112 -27.59 -10.87 9.12
N VAL B 113 -26.96 -12.02 8.85
CA VAL B 113 -27.68 -13.16 8.28
C VAL B 113 -28.71 -13.71 9.27
N ALA B 114 -28.44 -13.53 10.57
CA ALA B 114 -29.41 -13.87 11.62
C ALA B 114 -30.24 -12.67 12.05
N GLY B 115 -29.58 -11.52 12.20
CA GLY B 115 -30.22 -10.31 12.74
C GLY B 115 -31.06 -9.43 11.81
N GLY B 116 -30.87 -9.52 10.50
CA GLY B 116 -31.51 -8.61 9.55
C GLY B 116 -30.79 -7.29 9.34
N PHE B 117 -31.51 -6.34 8.74
CA PHE B 117 -30.99 -5.05 8.32
C PHE B 117 -30.38 -4.29 9.50
N THR B 118 -29.14 -3.82 9.36
CA THR B 118 -28.50 -3.12 10.47
C THR B 118 -27.86 -1.78 10.11
N LYS B 119 -27.22 -1.66 8.95
CA LYS B 119 -26.42 -0.45 8.66
C LYS B 119 -26.55 0.02 7.23
N THR B 120 -26.26 1.31 7.06
CA THR B 120 -25.94 1.87 5.75
C THR B 120 -24.50 2.40 5.71
N TRP B 121 -23.93 2.46 4.51
CA TRP B 121 -22.68 3.20 4.29
C TRP B 121 -22.89 4.23 3.23
N SER B 122 -22.16 5.33 3.40
CA SER B 122 -22.17 6.47 2.49
C SER B 122 -20.71 6.76 2.09
N PHE B 123 -20.44 6.64 0.79
CA PHE B 123 -19.06 6.68 0.28
C PHE B 123 -18.83 7.92 -0.57
N PRO B 124 -17.90 8.79 -0.14
CA PRO B 124 -17.35 9.72 -1.14
C PRO B 124 -16.39 8.98 -2.08
N SER B 125 -15.98 9.67 -3.12
CA SER B 125 -14.91 9.19 -4.00
C SER B 125 -13.56 9.55 -3.41
N ALA B 126 -12.55 8.74 -3.71
CA ALA B 126 -11.19 8.91 -3.19
C ALA B 126 -10.60 10.31 -3.35
N GLU B 127 -10.90 10.98 -4.45
CA GLU B 127 -10.29 12.27 -4.77
C GLU B 127 -11.01 13.46 -4.17
N LEU B 129 -12.86 13.87 -0.46
CA LEU B 129 -13.28 13.24 0.78
C LEU B 129 -14.16 14.17 1.59
N GLY B 130 -14.82 13.58 2.58
CA GLY B 130 -15.64 14.32 3.53
C GLY B 130 -14.82 14.98 4.61
N LYS B 131 -15.48 15.86 5.38
CA LYS B 131 -14.82 16.65 6.41
C LYS B 131 -15.64 16.62 7.72
N VAL B 132 -14.94 16.50 8.84
CA VAL B 132 -15.54 16.68 10.15
C VAL B 132 -16.23 18.04 10.23
N SER B 133 -15.64 19.05 9.61
CA SER B 133 -16.23 20.40 9.59
C SER B 133 -17.61 20.44 8.96
N GLU B 134 -17.83 19.55 7.99
CA GLU B 134 -19.16 19.37 7.38
C GLU B 134 -20.07 18.60 8.30
N LEU B 135 -19.55 17.52 8.88
CA LEU B 135 -20.35 16.62 9.72
C LEU B 135 -20.92 17.32 10.97
N VAL B 136 -20.12 18.17 11.60
CA VAL B 136 -20.57 18.76 12.87
C VAL B 136 -21.76 19.72 12.70
N LYS B 137 -21.97 20.23 11.48
CA LYS B 137 -23.08 21.14 11.17
C LYS B 137 -24.41 20.43 10.89
N LEU B 138 -24.41 19.10 10.86
CA LEU B 138 -25.62 18.37 10.53
C LEU B 138 -26.54 18.21 11.78
N PRO B 139 -27.83 18.55 11.65
CA PRO B 139 -28.74 18.45 12.80
C PRO B 139 -28.73 17.12 13.54
N SER B 140 -28.54 16.01 12.81
CA SER B 140 -28.64 14.67 13.39
C SER B 140 -27.30 14.00 13.74
N ILE B 141 -26.20 14.75 13.64
CA ILE B 141 -24.88 14.24 13.97
C ILE B 141 -24.79 14.01 15.49
N PRO B 142 -24.09 12.93 15.90
CA PRO B 142 -23.79 12.82 17.32
C PRO B 142 -22.99 14.00 17.82
N ASP B 143 -23.30 14.47 19.02
CA ASP B 143 -22.53 15.52 19.67
C ASP B 143 -21.07 15.09 19.80
N ALA B 144 -20.83 13.78 19.92
CA ALA B 144 -19.46 13.24 20.14
C ALA B 144 -18.50 13.60 19.00
N VAL B 145 -19.02 13.85 17.79
CA VAL B 145 -18.12 14.21 16.68
C VAL B 145 -17.47 15.57 17.00
N ALA B 146 -18.28 16.59 17.29
CA ALA B 146 -17.76 17.91 17.67
C ALA B 146 -16.96 17.85 18.95
N ALA B 147 -17.44 17.04 19.89
CA ALA B 147 -16.75 16.88 21.17
C ALA B 147 -15.34 16.31 21.01
N ASN B 148 -15.12 15.57 19.92
CA ASN B 148 -13.81 14.96 19.62
C ASN B 148 -13.11 15.62 18.43
N ARG B 149 -13.56 16.80 18.04
CA ARG B 149 -13.03 17.48 16.87
C ARG B 149 -11.54 17.76 17.06
N ASP B 150 -11.14 18.16 18.25
CA ASP B 150 -9.72 18.41 18.49
C ASP B 150 -8.86 17.16 18.26
N PHE B 151 -9.38 15.98 18.61
CA PHE B 151 -8.69 14.71 18.40
C PHE B 151 -8.46 14.49 16.91
N PHE B 152 -9.53 14.66 16.13
CA PHE B 152 -9.49 14.46 14.68
C PHE B 152 -8.49 15.42 14.03
N GLU B 153 -8.50 16.67 14.47
CA GLU B 153 -7.57 17.65 13.91
C GLU B 153 -6.11 17.40 14.36
N LYS B 154 -5.93 16.94 15.60
CA LYS B 154 -4.61 16.70 16.16
C LYS B 154 -3.87 15.63 15.37
N TRP B 155 -4.58 14.56 14.99
CA TRP B 155 -3.99 13.44 14.25
C TRP B 155 -4.07 13.63 12.76
N GLY B 156 -4.56 14.79 12.34
CA GLY B 156 -4.50 15.24 10.94
C GLY B 156 -5.47 14.56 10.00
N ILE B 157 -6.60 14.07 10.54
CA ILE B 157 -7.55 13.29 9.78
C ILE B 157 -8.90 13.97 9.53
N ALA B 158 -9.08 15.18 10.05
CA ALA B 158 -10.39 15.82 10.05
C ALA B 158 -10.97 15.99 8.66
N ASP B 159 -10.11 16.23 7.67
CA ASP B 159 -10.60 16.48 6.32
C ASP B 159 -10.45 15.29 5.37
N MET B 160 -10.32 14.08 5.90
CA MET B 160 -10.23 12.88 5.03
C MET B 160 -11.21 11.78 5.40
N VAL B 161 -12.47 12.15 5.65
CA VAL B 161 -13.50 11.16 5.92
C VAL B 161 -13.81 10.40 4.62
N SER B 162 -13.54 9.10 4.62
CA SER B 162 -13.64 8.29 3.42
C SER B 162 -14.86 7.38 3.37
N THR B 163 -15.59 7.32 4.47
CA THR B 163 -16.86 6.62 4.55
C THR B 163 -17.57 7.04 5.85
N VAL B 164 -18.90 7.13 5.77
CA VAL B 164 -19.75 7.24 6.93
C VAL B 164 -20.65 5.99 7.03
N GLY B 165 -20.50 5.23 8.10
CA GLY B 165 -21.38 4.11 8.40
C GLY B 165 -22.38 4.51 9.49
N ILE B 166 -23.63 4.09 9.32
CA ILE B 166 -24.68 4.34 10.32
C ILE B 166 -25.26 2.98 10.71
N ASP B 167 -25.22 2.65 12.01
CA ASP B 167 -25.81 1.40 12.51
C ASP B 167 -27.12 1.70 13.24
N TYR B 168 -28.23 1.31 12.62
CA TYR B 168 -29.57 1.65 13.07
C TYR B 168 -30.00 0.78 14.23
N SER B 169 -29.36 -0.39 14.34
CA SER B 169 -29.68 -1.35 15.40
CA SER B 169 -29.69 -1.33 15.38
C SER B 169 -28.99 -0.97 16.69
N LYS B 170 -27.71 -0.62 16.61
CA LYS B 170 -26.94 -0.22 17.80
C LYS B 170 -27.03 1.28 18.12
N ARG B 171 -27.53 2.09 17.18
CA ARG B 171 -27.45 3.56 17.30
C ARG B 171 -26.02 4.04 17.49
N THR B 172 -25.18 3.64 16.56
CA THR B 172 -23.81 4.10 16.51
C THR B 172 -23.51 4.54 15.06
N MET B 173 -22.42 5.23 14.89
CA MET B 173 -21.96 5.62 13.56
C MET B 173 -20.43 5.49 13.47
N ASN B 174 -19.95 5.03 12.32
CA ASN B 174 -18.52 4.86 12.08
C ASN B 174 -18.06 5.92 11.08
N LEU B 175 -16.91 6.52 11.36
CA LEU B 175 -16.25 7.42 10.43
C LEU B 175 -14.93 6.73 10.06
N TYR B 176 -14.73 6.55 8.75
CA TYR B 176 -13.53 5.94 8.24
C TYR B 176 -12.64 7.00 7.66
N PHE B 177 -11.32 6.80 7.79
CA PHE B 177 -10.32 7.71 7.28
C PHE B 177 -9.28 6.94 6.46
N GLY B 178 -8.99 7.45 5.28
CA GLY B 178 -7.98 6.90 4.38
C GLY B 178 -8.55 5.82 3.47
N GLY B 179 -7.71 5.32 2.58
CA GLY B 179 -8.13 4.25 1.69
C GLY B 179 -8.07 4.73 0.25
N GLY B 180 -7.76 3.81 -0.66
CA GLY B 180 -7.71 4.16 -2.09
C GLY B 180 -6.54 5.07 -2.43
N VAL B 181 -6.71 5.86 -3.48
CA VAL B 181 -5.66 6.79 -3.93
C VAL B 181 -5.77 8.18 -3.26
N GLY B 182 -6.72 8.34 -2.35
CA GLY B 182 -7.02 9.65 -1.76
C GLY B 182 -5.99 10.08 -0.72
N ASP B 183 -6.28 11.20 -0.07
CA ASP B 183 -5.42 11.68 1.00
C ASP B 183 -5.12 10.59 2.02
N ARG B 184 -3.91 10.60 2.56
CA ARG B 184 -3.44 9.50 3.41
C ARG B 184 -3.48 9.88 4.85
N VAL B 185 -3.82 8.90 5.68
CA VAL B 185 -3.80 9.10 7.11
C VAL B 185 -2.33 9.33 7.46
N PRO B 186 -2.06 10.32 8.34
CA PRO B 186 -0.65 10.54 8.66
C PRO B 186 0.08 9.31 9.20
N ALA B 187 1.34 9.17 8.81
CA ALA B 187 2.17 8.04 9.17
C ALA B 187 2.24 7.79 10.68
N GLY B 188 2.23 8.87 11.46
CA GLY B 188 2.33 8.79 12.93
C GLY B 188 1.20 8.01 13.62
N VAL B 189 0.05 7.92 12.96
CA VAL B 189 -1.10 7.16 13.45
C VAL B 189 -0.77 5.65 13.54
N PHE B 190 0.15 5.18 12.70
CA PHE B 190 0.44 3.75 12.57
C PHE B 190 1.74 3.32 13.24
N GLU B 191 2.55 4.29 13.67
CA GLU B 191 3.79 3.97 14.35
C GLU B 191 3.50 3.72 15.85
N GLU B 192 4.35 2.91 16.49
CA GLU B 192 4.10 2.47 17.88
C GLU B 192 3.74 3.64 18.79
N LYS B 193 4.48 4.75 18.70
CA LYS B 193 4.23 5.90 19.58
C LYS B 193 2.83 6.47 19.36
N GLY B 194 2.41 6.50 18.10
CA GLY B 194 1.08 7.02 17.76
C GLY B 194 -0.04 6.09 18.18
N VAL B 195 0.15 4.79 17.99
CA VAL B 195 -0.86 3.81 18.35
C VAL B 195 -1.10 3.88 19.86
N ARG B 196 0.00 3.90 20.60
CA ARG B 196 -0.05 4.01 22.06
C ARG B 196 -0.75 5.28 22.46
N ALA B 197 -0.37 6.39 21.82
CA ALA B 197 -0.94 7.70 22.17
C ALA B 197 -2.44 7.76 21.89
N ILE B 198 -2.86 7.25 20.72
CA ILE B 198 -4.28 7.30 20.33
C ILE B 198 -5.11 6.46 21.30
N LEU B 199 -4.69 5.23 21.52
CA LEU B 199 -5.47 4.36 22.38
C LEU B 199 -5.49 4.88 23.82
N GLY B 200 -4.37 5.45 24.28
CA GLY B 200 -4.32 6.08 25.59
C GLY B 200 -5.27 7.25 25.74
N GLU B 201 -5.24 8.17 24.77
CA GLU B 201 -6.14 9.34 24.76
C GLU B 201 -7.60 8.92 24.85
N LEU B 202 -7.96 7.84 24.15
CA LEU B 202 -9.33 7.40 24.02
C LEU B 202 -9.78 6.41 25.10
N GLY B 203 -8.89 6.10 26.05
CA GLY B 203 -9.24 5.20 27.15
C GLY B 203 -9.49 3.76 26.71
N LEU B 204 -8.75 3.36 25.67
CA LEU B 204 -8.94 2.05 25.06
C LEU B 204 -7.79 1.10 25.46
N ALA B 205 -8.00 -0.19 25.25
CA ALA B 205 -6.98 -1.18 25.63
C ALA B 205 -5.64 -0.84 25.01
N ALA B 206 -4.57 -0.89 25.81
CA ALA B 206 -3.23 -0.69 25.28
C ALA B 206 -2.96 -1.68 24.14
N PRO B 207 -2.16 -1.27 23.14
CA PRO B 207 -2.00 -2.13 21.97
C PRO B 207 -1.16 -3.35 22.24
N SER B 208 -1.62 -4.50 21.72
CA SER B 208 -0.85 -5.73 21.79
C SER B 208 0.30 -5.73 20.80
N GLU B 209 1.19 -6.70 20.96
CA GLU B 209 2.35 -6.83 20.06
C GLU B 209 1.86 -7.12 18.66
N GLU B 210 0.83 -7.96 18.55
CA GLU B 210 0.28 -8.28 17.23
C GLU B 210 -0.42 -7.08 16.62
N LEU B 211 -1.15 -6.28 17.41
CA LEU B 211 -1.73 -5.04 16.88
C LEU B 211 -0.65 -4.10 16.34
N LEU B 212 0.42 -3.86 17.12
CA LEU B 212 1.49 -3.01 16.67
C LEU B 212 2.07 -3.50 15.32
N LYS B 213 2.26 -4.80 15.18
CA LYS B 213 2.80 -5.35 13.91
C LYS B 213 1.79 -5.19 12.76
N PHE B 214 0.53 -5.47 13.07
CA PHE B 214 -0.58 -5.26 12.12
C PHE B 214 -0.68 -3.81 11.64
N CYS B 215 -0.52 -2.85 12.55
CA CYS B 215 -0.62 -1.42 12.24
C CYS B 215 0.40 -0.96 11.20
N GLU B 216 1.52 -1.65 11.12
CA GLU B 216 2.58 -1.29 10.20
C GLU B 216 2.16 -1.54 8.76
N ARG B 217 1.14 -2.37 8.57
CA ARG B 217 0.58 -2.66 7.25
C ARG B 217 -0.74 -1.96 6.95
N SER B 218 -1.19 -1.15 7.89
CA SER B 218 -2.51 -0.51 7.84
C SER B 218 -2.46 0.89 7.21
N PHE B 219 -3.45 1.21 6.38
CA PHE B 219 -3.61 2.55 5.78
C PHE B 219 -5.03 3.15 5.98
N VAL B 220 -5.84 2.46 6.79
CA VAL B 220 -7.23 2.83 7.00
C VAL B 220 -7.53 2.65 8.47
N ILE B 221 -8.18 3.65 9.06
CA ILE B 221 -8.65 3.60 10.44
C ILE B 221 -10.10 4.00 10.47
N TYR B 222 -10.81 3.51 11.46
CA TYR B 222 -12.14 4.04 11.69
C TYR B 222 -12.52 4.14 13.15
N VAL B 223 -13.40 5.09 13.42
CA VAL B 223 -13.81 5.40 14.77
C VAL B 223 -15.31 5.20 14.87
N THR B 224 -15.74 4.61 15.98
CA THR B 224 -17.14 4.39 16.25
C THR B 224 -17.59 5.40 17.29
N LEU B 225 -18.68 6.12 17.00
CA LEU B 225 -19.23 7.08 17.95
C LEU B 225 -20.70 6.71 18.18
N SER B 226 -21.27 7.27 19.23
CA SER B 226 -22.66 7.10 19.53
C SER B 226 -23.29 8.42 19.96
N TRP B 227 -24.61 8.47 19.93
CA TRP B 227 -25.36 9.65 20.36
C TRP B 227 -25.46 9.76 21.88
N ASP B 228 -25.27 8.63 22.58
CA ASP B 228 -25.49 8.54 24.02
C ASP B 228 -24.22 8.58 24.86
N SER B 229 -23.08 8.88 24.24
CA SER B 229 -21.81 9.01 24.95
C SER B 229 -21.02 10.07 24.22
N PRO B 230 -20.29 10.89 24.97
CA PRO B 230 -19.46 11.87 24.27
C PRO B 230 -18.12 11.26 23.87
N LYS B 231 -17.87 10.01 24.24
CA LYS B 231 -16.56 9.39 24.03
C LYS B 231 -16.58 8.43 22.85
N ILE B 232 -15.49 8.44 22.08
CA ILE B 232 -15.30 7.48 21.01
C ILE B 232 -15.43 6.07 21.60
N ASN B 233 -16.28 5.25 21.00
CA ASN B 233 -16.64 3.94 21.56
C ASN B 233 -15.50 2.96 21.30
N ARG B 234 -14.90 3.06 20.12
CA ARG B 234 -13.81 2.17 19.73
C ARG B 234 -13.07 2.73 18.54
N PHE B 235 -11.89 2.19 18.33
CA PHE B 235 -10.97 2.65 17.31
C PHE B 235 -10.38 1.41 16.62
N THR B 236 -10.49 1.37 15.29
CA THR B 236 -10.16 0.18 14.52
C THR B 236 -9.11 0.50 13.46
N TYR B 237 -8.08 -0.36 13.38
CA TYR B 237 -7.12 -0.34 12.27
C TYR B 237 -7.51 -1.41 11.28
N SER B 238 -7.38 -1.08 10.00
CA SER B 238 -7.75 -1.98 8.92
C SER B 238 -6.59 -2.21 7.94
N VAL B 239 -6.48 -3.43 7.41
CA VAL B 239 -5.45 -3.79 6.44
C VAL B 239 -6.14 -4.50 5.28
N MET B 240 -5.66 -4.23 4.07
CA MET B 240 -6.18 -4.87 2.87
C MET B 240 -5.08 -5.73 2.27
N THR B 241 -5.39 -7.00 1.99
CA THR B 241 -4.39 -7.94 1.43
C THR B 241 -5.07 -9.12 0.78
N PRO B 242 -4.51 -9.62 -0.32
CA PRO B 242 -5.04 -10.87 -0.88
C PRO B 242 -4.51 -12.10 -0.13
N GLU B 243 -3.67 -11.89 0.89
CA GLU B 243 -3.02 -12.99 1.60
C GLU B 243 -3.23 -12.83 3.11
N PRO B 244 -4.48 -12.99 3.55
CA PRO B 244 -4.70 -12.83 4.98
C PRO B 244 -4.01 -13.85 5.89
N LEU B 245 -3.75 -15.07 5.40
CA LEU B 245 -2.93 -16.03 6.15
C LEU B 245 -1.51 -15.52 6.46
N GLY B 246 -1.03 -14.53 5.69
CA GLY B 246 0.27 -13.90 5.93
C GLY B 246 0.28 -12.68 6.84
N LEU B 247 -0.87 -12.32 7.40
CA LEU B 247 -0.97 -11.23 8.34
C LEU B 247 -0.23 -11.62 9.61
N PRO B 248 0.34 -10.62 10.30
CA PRO B 248 1.12 -10.89 11.49
C PRO B 248 0.23 -11.00 12.74
N VAL B 249 -0.81 -11.83 12.64
CA VAL B 249 -1.78 -12.06 13.70
C VAL B 249 -2.08 -13.55 13.74
N ASP B 250 -2.57 -14.00 14.89
CA ASP B 250 -3.15 -15.35 14.95
C ASP B 250 -4.60 -15.23 14.51
N LEU B 251 -5.00 -16.07 13.55
CA LEU B 251 -6.35 -16.06 13.00
C LEU B 251 -7.25 -17.02 13.75
N ALA B 252 -8.44 -16.57 14.11
CA ALA B 252 -9.44 -17.43 14.76
C ALA B 252 -9.83 -18.58 13.84
N PRO B 253 -10.17 -19.75 14.40
CA PRO B 253 -10.60 -20.89 13.58
C PRO B 253 -11.68 -20.56 12.55
N THR B 254 -12.68 -19.77 12.94
CA THR B 254 -13.75 -19.36 12.01
C THR B 254 -13.18 -18.55 10.86
N PHE B 255 -12.19 -17.71 11.13
CA PHE B 255 -11.54 -16.92 10.08
C PHE B 255 -10.76 -17.83 9.13
N GLU B 256 -10.07 -18.83 9.68
CA GLU B 256 -9.31 -19.78 8.86
C GLU B 256 -10.27 -20.58 7.98
N ARG B 257 -11.41 -20.99 8.54
CA ARG B 257 -12.44 -21.67 7.77
C ARG B 257 -13.03 -20.78 6.68
N LEU B 258 -13.26 -19.51 6.99
CA LEU B 258 -13.81 -18.57 5.98
C LEU B 258 -12.85 -18.38 4.80
N ILE B 259 -11.56 -18.24 5.10
CA ILE B 259 -10.51 -18.11 4.07
C ILE B 259 -10.42 -19.37 3.22
N LYS B 260 -10.45 -20.53 3.88
CA LYS B 260 -10.30 -21.79 3.19
C LYS B 260 -11.55 -22.32 2.52
N SER B 261 -12.71 -22.18 3.17
CA SER B 261 -13.87 -22.95 2.76
C SER B 261 -15.12 -22.14 2.41
N ALA B 262 -14.96 -20.83 2.22
CA ALA B 262 -16.04 -20.02 1.69
C ALA B 262 -16.57 -20.67 0.41
N PRO B 263 -17.91 -20.71 0.25
CA PRO B 263 -18.50 -21.41 -0.89
C PRO B 263 -18.44 -20.62 -2.20
N TYR B 264 -17.32 -19.91 -2.43
CA TYR B 264 -17.11 -19.12 -3.64
C TYR B 264 -15.61 -18.87 -3.80
N ASP B 265 -15.23 -18.47 -5.01
CA ASP B 265 -13.83 -18.29 -5.37
C ASP B 265 -13.37 -16.89 -4.97
N THR B 266 -12.32 -16.80 -4.17
CA THR B 266 -11.72 -15.51 -3.84
C THR B 266 -10.42 -15.29 -4.64
N GLU B 267 -10.38 -15.97 -5.81
CA GLU B 267 -9.84 -15.44 -7.09
C GLU B 267 -8.70 -14.43 -7.00
N GLY B 268 -7.75 -14.64 -6.09
CA GLY B 268 -6.73 -13.63 -5.81
C GLY B 268 -7.28 -12.25 -5.41
N ARG B 269 -8.48 -12.20 -4.83
CA ARG B 269 -9.07 -10.94 -4.44
C ARG B 269 -8.51 -10.46 -3.13
N ASN B 270 -8.61 -9.17 -2.89
CA ASN B 270 -8.25 -8.64 -1.59
C ASN B 270 -9.26 -9.06 -0.54
N TYR B 271 -8.76 -9.25 0.66
CA TYR B 271 -9.55 -9.34 1.87
C TYR B 271 -9.34 -8.03 2.63
N VAL B 272 -10.27 -7.71 3.53
CA VAL B 272 -10.07 -6.58 4.45
C VAL B 272 -10.17 -7.09 5.87
N TYR B 273 -9.12 -6.81 6.65
CA TYR B 273 -9.00 -7.30 8.02
C TYR B 273 -8.97 -6.09 8.95
N GLY B 274 -9.64 -6.23 10.10
CA GLY B 274 -9.63 -5.16 11.12
C GLY B 274 -9.31 -5.69 12.49
N ILE B 275 -8.63 -4.87 13.29
CA ILE B 275 -8.47 -5.10 14.72
C ILE B 275 -9.01 -3.88 15.42
N ALA B 276 -10.13 -4.07 16.14
CA ALA B 276 -10.78 -3.03 16.91
C ALA B 276 -10.27 -3.04 18.32
N SER B 277 -10.09 -1.85 18.89
CA SER B 277 -9.74 -1.68 20.29
C SER B 277 -10.88 -1.02 21.02
N THR B 278 -11.28 -1.62 22.14
CA THR B 278 -12.32 -1.08 23.00
C THR B 278 -11.72 -0.85 24.39
N PRO B 279 -12.51 -0.30 25.32
CA PRO B 279 -11.91 -0.20 26.64
C PRO B 279 -11.45 -1.51 27.26
N LYS B 280 -12.08 -2.62 26.89
CA LYS B 280 -11.82 -3.91 27.51
C LYS B 280 -10.86 -4.83 26.77
N GLY B 281 -10.70 -4.64 25.46
CA GLY B 281 -9.76 -5.46 24.71
C GLY B 281 -9.73 -5.23 23.21
N GLU B 282 -9.31 -6.27 22.48
CA GLU B 282 -9.18 -6.24 21.05
C GLU B 282 -10.05 -7.33 20.41
N TYR B 283 -10.66 -6.99 19.28
CA TYR B 283 -11.53 -7.92 18.55
C TYR B 283 -11.23 -7.78 17.08
N HIS B 284 -11.30 -8.89 16.39
CA HIS B 284 -10.90 -8.96 15.01
C HIS B 284 -12.08 -9.09 14.07
N ILE B 286 -12.86 -9.86 9.68
CA ILE B 286 -12.34 -10.18 8.35
C ILE B 286 -13.47 -10.18 7.32
N ALA B 287 -13.24 -9.48 6.21
CA ALA B 287 -14.21 -9.41 5.13
C ALA B 287 -13.67 -10.16 3.92
N SER B 288 -14.52 -11.05 3.39
CA SER B 288 -14.26 -11.89 2.24
C SER B 288 -15.20 -11.50 1.10
N TYR B 289 -14.66 -11.34 -0.10
CA TYR B 289 -15.42 -10.76 -1.22
C TYR B 289 -15.93 -11.77 -2.19
N TYR B 290 -17.25 -11.91 -2.22
CA TYR B 290 -17.94 -12.86 -3.07
C TYR B 290 -18.16 -12.36 -4.48
N GLN B 291 -18.58 -11.11 -4.61
CA GLN B 291 -18.86 -10.52 -5.90
C GLN B 291 -18.20 -9.16 -5.97
N TRP B 292 -17.38 -8.98 -7.00
CA TRP B 292 -16.56 -7.77 -7.15
C TRP B 292 -16.85 -7.11 -8.52
N GLN B 293 -16.56 -5.82 -8.63
CA GLN B 293 -16.76 -5.04 -9.86
C GLN B 293 -15.48 -4.27 -10.23
N LYS B 294 -14.91 -4.55 -11.40
CA LYS B 294 -13.64 -3.95 -11.83
C LYS B 294 -13.87 -2.67 -12.63
#